data_3QY8
#
_entry.id   3QY8
#
_cell.length_a   42.160
_cell.length_b   61.634
_cell.length_c   111.662
_cell.angle_alpha   90.00
_cell.angle_beta   90.00
_cell.angle_gamma   90.00
#
_symmetry.space_group_name_H-M   'P 21 21 21'
#
loop_
_entity.id
_entity.type
_entity.pdbx_description
1 polymer 'Tyrosine-protein phosphatase CpsB'
2 non-polymer 'FE (III) ION'
3 non-polymer 'MAGNESIUM ION'
4 non-polymer 'SULFATE ION'
5 non-polymer GLYCEROL
6 water water
#
_entity_poly.entity_id   1
_entity_poly.type   'polypeptide(L)'
_entity_poly.pdbx_seq_one_letter_code
;MIDIHSHIVFDVDDGPKSREESKALLAESYRQGVRTIVSTSHRRKGMFETPEEKIAENFLQVREIAKEVASDLVIAYGAE
IYYTPDVLDKLEKKRIPTLNDSRYALIEFSMNTPYRDIHSALSKILMLGITPVIAHIERYDALENNEKRVRELIDMGCYT
QVNSSHVLKPKLFGERYKFMKKRAQYFLEQDLVHVIASDMHNLDGRPPHMAEAYDLVTQKYGEAKAQELFIDNPRKIVMD
QLILEHHHHHH
;
_entity_poly.pdbx_strand_id   A
#
loop_
_chem_comp.id
_chem_comp.type
_chem_comp.name
_chem_comp.formula
FE non-polymer 'FE (III) ION' 'Fe 3'
GOL non-polymer GLYCEROL 'C3 H8 O3'
MG non-polymer 'MAGNESIUM ION' 'Mg 2'
SO4 non-polymer 'SULFATE ION' 'O4 S -2'
#
# COMPACT_ATOMS: atom_id res chain seq x y z
N MET A 1 7.70 0.52 -10.65
CA MET A 1 9.07 0.36 -10.24
C MET A 1 9.32 0.40 -8.73
N ILE A 2 8.52 1.14 -7.96
CA ILE A 2 8.62 1.15 -6.50
C ILE A 2 7.27 0.86 -5.81
N ASP A 3 7.21 -0.20 -5.05
CA ASP A 3 5.93 -0.73 -4.55
C ASP A 3 5.83 -0.59 -3.04
N ILE A 4 5.04 0.37 -2.55
CA ILE A 4 5.09 0.75 -1.14
C ILE A 4 4.10 0.00 -0.24
N HIS A 5 3.42 -0.99 -0.77
CA HIS A 5 2.37 -1.71 -0.02
C HIS A 5 2.40 -3.19 -0.38
N SER A 6 2.89 -4.04 0.50
CA SER A 6 3.10 -5.45 0.16
C SER A 6 3.05 -6.36 1.37
N HIS A 7 2.65 -7.59 1.12
CA HIS A 7 2.56 -8.58 2.19
C HIS A 7 3.49 -9.76 1.86
N ILE A 8 4.77 -9.58 2.18
CA ILE A 8 5.83 -10.45 1.66
C ILE A 8 6.59 -11.20 2.77
N VAL A 9 6.25 -10.92 4.03
CA VAL A 9 6.84 -11.61 5.17
C VAL A 9 6.08 -12.89 5.49
N PHE A 10 6.79 -14.01 5.58
CA PHE A 10 6.18 -15.31 5.81
C PHE A 10 5.74 -15.50 7.27
N ASP A 11 4.54 -16.05 7.46
CA ASP A 11 4.08 -16.53 8.76
C ASP A 11 3.82 -15.40 9.74
N VAL A 12 3.34 -14.25 9.28
CA VAL A 12 3.02 -13.15 10.16
C VAL A 12 1.63 -12.53 9.96
N ASP A 13 1.04 -12.75 8.80
CA ASP A 13 -0.28 -12.21 8.47
C ASP A 13 -1.02 -13.11 7.48
N ASP A 14 -1.75 -12.53 6.56
CA ASP A 14 -2.42 -13.27 5.53
C ASP A 14 -1.57 -13.42 4.25
N GLY A 15 -0.27 -13.22 4.34
CA GLY A 15 0.60 -13.34 3.16
C GLY A 15 1.27 -14.69 3.09
N PRO A 16 2.54 -14.75 2.66
CA PRO A 16 3.22 -16.02 2.47
C PRO A 16 3.27 -16.89 3.73
N LYS A 17 3.11 -18.18 3.54
CA LYS A 17 3.19 -19.10 4.66
C LYS A 17 4.62 -19.51 4.96
N SER A 18 5.47 -19.47 3.95
CA SER A 18 6.83 -20.01 4.06
C SER A 18 7.85 -19.15 3.32
N ARG A 19 9.13 -19.32 3.64
CA ARG A 19 10.23 -18.66 2.95
C ARG A 19 10.19 -18.84 1.43
N GLU A 20 9.75 -20.02 1.02
CA GLU A 20 9.69 -20.37 -0.41
C GLU A 20 8.61 -19.57 -1.14
N GLU A 21 7.46 -19.41 -0.49
CA GLU A 21 6.43 -18.50 -0.98
C GLU A 21 6.85 -17.02 -1.07
N SER A 22 7.52 -16.52 -0.04
CA SER A 22 8.02 -15.15 -0.07
C SER A 22 8.96 -14.95 -1.26
N LYS A 23 9.81 -15.92 -1.54
CA LYS A 23 10.78 -15.77 -2.62
C LYS A 23 10.07 -15.70 -3.96
N ALA A 24 9.04 -16.53 -4.12
CA ALA A 24 8.33 -16.66 -5.38
C ALA A 24 7.57 -15.36 -5.65
N LEU A 25 7.09 -14.74 -4.57
CA LEU A 25 6.35 -13.49 -4.66
C LEU A 25 7.26 -12.33 -5.00
N LEU A 26 8.41 -12.25 -4.33
CA LEU A 26 9.47 -11.31 -4.72
C LEU A 26 9.86 -11.46 -6.19
N ALA A 27 9.99 -12.70 -6.64
CA ALA A 27 10.49 -12.98 -7.99
C ALA A 27 9.49 -12.46 -9.04
N GLU A 28 8.20 -12.65 -8.76
CA GLU A 28 7.16 -12.20 -9.69
C GLU A 28 7.12 -10.69 -9.73
N SER A 29 7.24 -10.09 -8.55
CA SER A 29 7.31 -8.64 -8.45
C SER A 29 8.49 -8.07 -9.24
N TYR A 30 9.66 -8.68 -9.08
CA TYR A 30 10.85 -8.27 -9.84
C TYR A 30 10.63 -8.41 -11.34
N ARG A 31 10.09 -9.55 -11.75
CA ARG A 31 9.76 -9.82 -13.15
C ARG A 31 8.90 -8.72 -13.77
N GLN A 32 8.00 -8.15 -12.98
CA GLN A 32 7.13 -7.11 -13.49
C GLN A 32 7.81 -5.76 -13.59
N GLY A 33 9.02 -5.66 -13.06
CA GLY A 33 9.78 -4.41 -13.16
C GLY A 33 9.91 -3.61 -11.87
N VAL A 34 9.48 -4.19 -10.76
CA VAL A 34 9.58 -3.52 -9.48
C VAL A 34 10.99 -3.75 -8.93
N ARG A 35 11.58 -2.68 -8.41
CA ARG A 35 12.97 -2.69 -7.96
C ARG A 35 13.13 -2.33 -6.49
N THR A 36 12.12 -1.69 -5.90
CA THR A 36 12.04 -1.51 -4.45
C THR A 36 10.65 -1.92 -3.94
N ILE A 37 10.64 -2.75 -2.92
CA ILE A 37 9.41 -3.19 -2.29
C ILE A 37 9.49 -2.78 -0.81
N VAL A 38 8.49 -2.06 -0.32
CA VAL A 38 8.34 -1.83 1.11
C VAL A 38 7.47 -2.91 1.69
N SER A 39 8.02 -3.68 2.64
CA SER A 39 7.23 -4.61 3.44
C SER A 39 6.27 -3.87 4.37
N THR A 40 4.97 -4.05 4.15
CA THR A 40 3.96 -3.48 5.03
C THR A 40 3.01 -4.56 5.51
N SER A 41 3.52 -5.54 6.27
CA SER A 41 2.63 -6.55 6.87
C SER A 41 1.60 -5.93 7.81
N HIS A 42 0.46 -6.62 7.98
CA HIS A 42 -0.66 -6.10 8.79
C HIS A 42 -0.34 -5.91 10.26
N ARG A 43 -0.58 -4.69 10.74
CA ARG A 43 -0.83 -4.44 12.15
C ARG A 43 -2.32 -4.12 12.33
N ARG A 44 -3.07 -5.05 12.92
CA ARG A 44 -4.49 -4.84 13.12
C ARG A 44 -4.99 -5.48 14.42
N LYS A 45 -5.40 -4.63 15.37
CA LYS A 45 -6.08 -5.07 16.60
C LYS A 45 -7.22 -6.03 16.32
N GLY A 46 -7.12 -7.20 16.92
CA GLY A 46 -8.12 -8.25 16.85
C GLY A 46 -8.14 -9.09 15.59
N MET A 47 -7.17 -8.86 14.72
CA MET A 47 -7.06 -9.61 13.49
C MET A 47 -5.64 -10.11 13.13
N PHE A 48 -4.69 -9.20 13.19
CA PHE A 48 -3.30 -9.44 12.89
C PHE A 48 -2.45 -8.90 14.03
N GLU A 49 -2.25 -9.73 15.02
CA GLU A 49 -1.56 -9.31 16.24
C GLU A 49 -0.28 -10.09 16.47
N THR A 50 0.39 -10.47 15.38
CA THR A 50 1.76 -10.98 15.44
C THR A 50 2.73 -10.00 16.09
N PRO A 51 3.59 -10.51 16.98
CA PRO A 51 4.42 -9.56 17.69
C PRO A 51 5.45 -8.88 16.79
N GLU A 52 5.80 -7.65 17.12
CA GLU A 52 6.68 -6.85 16.27
C GLU A 52 8.05 -7.50 16.08
N GLU A 53 8.53 -8.20 17.11
CA GLU A 53 9.87 -8.79 17.07
C GLU A 53 9.90 -9.95 16.09
N LYS A 54 8.80 -10.67 15.99
CA LYS A 54 8.69 -11.74 15.00
C LYS A 54 8.60 -11.20 13.58
N ILE A 55 7.78 -10.17 13.39
CA ILE A 55 7.65 -9.58 12.07
C ILE A 55 8.99 -9.06 11.60
N ALA A 56 9.73 -8.38 12.48
CA ALA A 56 11.05 -7.87 12.16
C ALA A 56 12.02 -9.00 11.83
N GLU A 57 11.92 -10.08 12.60
CA GLU A 57 12.79 -11.21 12.40
C GLU A 57 12.57 -11.88 11.05
N ASN A 58 11.34 -12.24 10.73
CA ASN A 58 11.06 -12.82 9.43
C ASN A 58 11.30 -11.84 8.26
N PHE A 59 11.11 -10.54 8.51
CA PHE A 59 11.44 -9.52 7.52
C PHE A 59 12.90 -9.61 7.10
N LEU A 60 13.79 -9.58 8.08
CA LEU A 60 15.23 -9.62 7.79
C LEU A 60 15.64 -10.86 7.01
N GLN A 61 14.94 -11.97 7.26
CA GLN A 61 15.15 -13.18 6.49
C GLN A 61 14.66 -13.05 5.04
N VAL A 62 13.57 -12.30 4.82
CA VAL A 62 13.08 -12.04 3.47
C VAL A 62 14.03 -11.11 2.74
N ARG A 63 14.59 -10.14 3.46
CA ARG A 63 15.58 -9.24 2.87
C ARG A 63 16.80 -10.00 2.35
N GLU A 64 17.25 -10.99 3.12
CA GLU A 64 18.31 -11.89 2.67
C GLU A 64 17.89 -12.68 1.44
N ILE A 65 16.69 -13.24 1.49
CA ILE A 65 16.14 -14.00 0.38
C ILE A 65 16.12 -13.17 -0.90
N ALA A 66 15.83 -11.88 -0.78
CA ALA A 66 15.80 -10.99 -1.93
C ALA A 66 17.14 -10.93 -2.68
N LYS A 67 18.22 -11.21 -1.96
CA LYS A 67 19.51 -11.29 -2.65
C LYS A 67 19.56 -12.46 -3.62
N GLU A 68 18.79 -13.51 -3.36
CA GLU A 68 18.76 -14.64 -4.27
C GLU A 68 17.94 -14.32 -5.51
N VAL A 69 17.10 -13.29 -5.41
CA VAL A 69 16.27 -12.90 -6.55
C VAL A 69 17.07 -12.03 -7.50
N ALA A 70 17.63 -10.95 -6.97
CA ALA A 70 18.42 -10.02 -7.77
C ALA A 70 19.21 -9.14 -6.82
N SER A 71 20.37 -8.68 -7.27
CA SER A 71 21.22 -7.88 -6.39
C SER A 71 20.73 -6.44 -6.26
N ASP A 72 19.96 -5.96 -7.24
CA ASP A 72 19.44 -4.58 -7.17
C ASP A 72 17.98 -4.46 -6.67
N LEU A 73 17.45 -5.53 -6.08
CA LEU A 73 16.14 -5.49 -5.44
C LEU A 73 16.26 -5.07 -3.98
N VAL A 74 15.77 -3.87 -3.70
CA VAL A 74 15.83 -3.28 -2.38
C VAL A 74 14.54 -3.64 -1.63
N ILE A 75 14.69 -4.15 -0.41
CA ILE A 75 13.55 -4.42 0.47
C ILE A 75 13.58 -3.49 1.67
N ALA A 76 12.55 -2.66 1.81
CA ALA A 76 12.42 -1.72 2.92
C ALA A 76 11.38 -2.21 3.94
N TYR A 77 11.48 -1.72 5.16
CA TYR A 77 10.58 -2.13 6.24
C TYR A 77 9.44 -1.10 6.36
N GLY A 78 8.31 -1.52 6.91
CA GLY A 78 7.10 -0.70 6.98
C GLY A 78 6.02 -1.53 7.64
N ALA A 79 4.78 -1.04 7.61
CA ALA A 79 3.63 -1.70 8.24
C ALA A 79 2.36 -1.20 7.55
N GLU A 80 1.40 -2.08 7.33
CA GLU A 80 0.06 -1.61 7.01
C GLU A 80 -0.75 -1.55 8.31
N ILE A 81 -1.03 -0.35 8.76
CA ILE A 81 -1.59 -0.17 10.09
C ILE A 81 -3.08 0.07 9.99
N TYR A 82 -3.89 -0.92 10.36
CA TYR A 82 -5.32 -0.70 10.50
C TYR A 82 -5.59 0.22 11.70
N TYR A 83 -6.38 1.27 11.51
CA TYR A 83 -6.54 2.25 12.58
C TYR A 83 -7.49 1.81 13.70
N THR A 84 -6.93 1.68 14.90
CA THR A 84 -7.69 1.67 16.15
C THR A 84 -6.91 2.63 17.05
N PRO A 85 -7.54 3.13 18.12
CA PRO A 85 -6.91 4.27 18.78
C PRO A 85 -5.58 3.99 19.50
N ASP A 86 -5.32 2.73 19.85
CA ASP A 86 -4.03 2.36 20.46
C ASP A 86 -2.84 2.67 19.53
N VAL A 87 -3.12 2.65 18.24
CA VAL A 87 -2.13 2.88 17.20
C VAL A 87 -1.44 4.24 17.36
N LEU A 88 -2.14 5.23 17.91
CA LEU A 88 -1.53 6.54 18.12
C LEU A 88 -0.34 6.55 19.08
N ASP A 89 -0.50 5.93 20.24
CA ASP A 89 0.62 5.72 21.16
C ASP A 89 1.76 4.92 20.54
N LYS A 90 1.41 3.87 19.79
CA LYS A 90 2.41 3.03 19.17
C LYS A 90 3.30 3.79 18.17
N LEU A 91 2.67 4.63 17.34
CA LEU A 91 3.38 5.49 16.41
C LEU A 91 4.21 6.56 17.12
N GLU A 92 3.60 7.24 18.09
CA GLU A 92 4.32 8.28 18.82
C GLU A 92 5.63 7.74 19.39
N LYS A 93 5.58 6.52 19.90
CA LYS A 93 6.72 5.91 20.59
C LYS A 93 7.52 4.98 19.69
N LYS A 94 7.24 5.05 18.39
CA LYS A 94 7.93 4.28 17.37
C LYS A 94 7.94 2.78 17.62
N ARG A 95 6.86 2.25 18.17
CA ARG A 95 6.78 0.81 18.40
C ARG A 95 6.15 0.12 17.21
N ILE A 96 5.72 0.92 16.24
CA ILE A 96 5.10 0.43 15.01
C ILE A 96 5.72 1.21 13.83
N PRO A 97 6.19 0.49 12.79
CA PRO A 97 7.05 1.18 11.84
C PRO A 97 6.33 2.12 10.86
N THR A 98 7.04 3.17 10.46
CA THR A 98 6.65 3.94 9.29
C THR A 98 7.30 3.33 8.06
N LEU A 99 7.04 3.93 6.91
CA LEU A 99 7.51 3.36 5.65
C LEU A 99 8.98 3.71 5.44
N ASN A 100 9.85 2.70 5.56
CA ASN A 100 11.30 2.92 5.51
C ASN A 100 11.76 4.01 6.49
N ASP A 101 11.16 4.02 7.67
CA ASP A 101 11.54 4.96 8.71
C ASP A 101 11.41 6.43 8.29
N SER A 102 10.50 6.70 7.37
CA SER A 102 10.16 8.03 6.93
C SER A 102 9.10 8.60 7.83
N ARG A 103 8.66 9.78 7.51
CA ARG A 103 7.47 10.43 8.06
C ARG A 103 6.15 9.74 7.68
N TYR A 104 6.16 9.01 6.59
CA TYR A 104 4.95 8.43 6.06
C TYR A 104 4.53 7.11 6.68
N ALA A 105 3.31 7.00 7.17
CA ALA A 105 2.81 5.71 7.62
C ALA A 105 1.61 5.28 6.79
N LEU A 106 1.50 3.98 6.52
CA LEU A 106 0.40 3.47 5.70
C LEU A 106 -0.76 3.07 6.61
N ILE A 107 -1.90 3.71 6.44
CA ILE A 107 -3.03 3.56 7.37
C ILE A 107 -4.24 3.01 6.60
N GLU A 108 -4.92 2.00 7.14
CA GLU A 108 -6.13 1.50 6.52
C GLU A 108 -7.33 1.48 7.48
N PHE A 109 -8.51 1.45 6.88
CA PHE A 109 -9.75 1.44 7.63
C PHE A 109 -10.60 0.32 7.08
N SER A 110 -11.82 0.19 7.60
CA SER A 110 -12.79 -0.77 7.09
C SER A 110 -13.59 -0.22 5.92
N MET A 111 -14.12 -1.12 5.09
CA MET A 111 -14.95 -0.70 3.97
C MET A 111 -16.03 0.28 4.43
N ASN A 112 -16.60 0.04 5.61
CA ASN A 112 -17.76 0.79 6.04
C ASN A 112 -17.48 1.80 7.14
N THR A 113 -16.22 2.14 7.35
CA THR A 113 -15.86 3.19 8.30
C THR A 113 -16.46 4.52 7.88
N PRO A 114 -17.18 5.18 8.80
CA PRO A 114 -17.76 6.49 8.49
C PRO A 114 -16.67 7.51 8.19
N TYR A 115 -16.94 8.40 7.24
CA TYR A 115 -16.03 9.49 6.96
C TYR A 115 -15.52 10.21 8.20
N ARG A 116 -16.42 10.58 9.10
CA ARG A 116 -15.99 11.34 10.28
C ARG A 116 -14.90 10.60 11.06
N ASP A 117 -15.00 9.28 11.09
CA ASP A 117 -13.99 8.46 11.76
C ASP A 117 -12.68 8.47 10.98
N ILE A 118 -12.77 8.32 9.67
CA ILE A 118 -11.59 8.45 8.83
C ILE A 118 -10.90 9.79 9.04
N HIS A 119 -11.68 10.88 8.93
CA HIS A 119 -11.14 12.22 9.02
C HIS A 119 -10.51 12.45 10.39
N SER A 120 -11.13 11.91 11.42
CA SER A 120 -10.68 12.10 12.81
C SER A 120 -9.35 11.39 13.09
N ALA A 121 -9.28 10.12 12.72
CA ALA A 121 -8.07 9.29 12.87
C ALA A 121 -6.89 9.95 12.17
N LEU A 122 -7.10 10.36 10.93
CA LEU A 122 -6.02 10.91 10.13
C LEU A 122 -5.57 12.27 10.64
N SER A 123 -6.52 13.05 11.14
CA SER A 123 -6.21 14.30 11.81
C SER A 123 -5.29 14.08 13.01
N LYS A 124 -5.59 13.07 13.82
CA LYS A 124 -4.81 12.79 15.02
C LYS A 124 -3.40 12.30 14.70
N ILE A 125 -3.25 11.54 13.62
CA ILE A 125 -1.95 11.01 13.21
C ILE A 125 -1.13 12.19 12.70
N LEU A 126 -1.77 13.10 11.99
CA LEU A 126 -1.08 14.27 11.47
C LEU A 126 -0.54 15.08 12.64
N MET A 127 -1.29 15.10 13.74
CA MET A 127 -0.86 15.86 14.90
C MET A 127 0.38 15.25 15.53
N LEU A 128 0.63 13.97 15.24
CA LEU A 128 1.86 13.32 15.70
C LEU A 128 3.09 13.66 14.85
N GLY A 129 2.91 14.53 13.86
CA GLY A 129 3.97 14.77 12.87
C GLY A 129 4.14 13.65 11.86
N ILE A 130 3.18 12.74 11.78
CA ILE A 130 3.23 11.63 10.83
C ILE A 130 2.29 11.85 9.65
N THR A 131 2.79 11.68 8.44
CA THR A 131 1.97 11.86 7.24
C THR A 131 1.27 10.55 6.84
N PRO A 132 -0.07 10.50 6.88
CA PRO A 132 -0.74 9.27 6.46
C PRO A 132 -0.70 9.08 4.95
N VAL A 133 -0.36 7.87 4.52
CA VAL A 133 -0.62 7.42 3.16
C VAL A 133 -1.82 6.49 3.32
N ILE A 134 -2.95 6.83 2.73
CA ILE A 134 -4.17 6.07 2.98
C ILE A 134 -4.23 4.86 2.04
N ALA A 135 -4.24 3.70 2.61
CA ALA A 135 -4.22 2.49 1.87
C ALA A 135 -5.46 2.31 1.00
N HIS A 136 -5.32 1.90 -0.25
CA HIS A 136 -6.43 1.48 -1.05
C HIS A 136 -7.72 2.30 -0.85
N ILE A 137 -7.74 3.53 -1.25
CA ILE A 137 -8.88 4.40 -0.97
C ILE A 137 -10.15 3.94 -1.67
N GLU A 138 -9.99 3.13 -2.73
CA GLU A 138 -11.12 2.50 -3.42
C GLU A 138 -11.90 1.53 -2.53
N ARG A 139 -11.35 1.17 -1.38
CA ARG A 139 -12.05 0.28 -0.45
C ARG A 139 -13.19 0.97 0.31
N TYR A 140 -13.10 2.29 0.50
CA TYR A 140 -13.92 2.97 1.49
C TYR A 140 -15.20 3.54 0.90
N ASP A 141 -16.33 3.01 1.36
CA ASP A 141 -17.66 3.46 0.96
C ASP A 141 -17.79 4.96 1.12
N ALA A 142 -17.23 5.49 2.19
CA ALA A 142 -17.30 6.90 2.53
C ALA A 142 -16.68 7.83 1.48
N LEU A 143 -15.77 7.31 0.67
CA LEU A 143 -15.13 8.12 -0.32
C LEU A 143 -15.64 7.88 -1.72
N GLU A 144 -16.52 6.92 -1.86
CA GLU A 144 -17.03 6.58 -3.18
C GLU A 144 -17.61 7.81 -3.87
N ASN A 145 -17.15 8.06 -5.09
CA ASN A 145 -17.65 9.18 -5.89
C ASN A 145 -17.59 10.50 -5.15
N ASN A 146 -16.65 10.64 -4.23
CA ASN A 146 -16.62 11.79 -3.35
C ASN A 146 -15.30 12.56 -3.38
N GLU A 147 -15.10 13.19 -4.52
CA GLU A 147 -14.03 14.13 -4.78
C GLU A 147 -13.81 15.12 -3.62
N LYS A 148 -14.91 15.67 -3.12
CA LYS A 148 -14.83 16.66 -2.07
C LYS A 148 -14.16 16.08 -0.82
N ARG A 149 -14.56 14.88 -0.41
CA ARG A 149 -13.99 14.28 0.80
C ARG A 149 -12.52 13.89 0.61
N VAL A 150 -12.15 13.29 -0.49
CA VAL A 150 -10.77 12.91 -0.77
C VAL A 150 -9.87 14.15 -0.83
N ARG A 151 -10.37 15.18 -1.43
CA ARG A 151 -9.69 16.42 -1.57
C ARG A 151 -9.43 17.01 -0.22
N GLU A 152 -10.41 16.89 0.65
CA GLU A 152 -10.30 17.43 2.01
C GLU A 152 -9.24 16.67 2.82
N LEU A 153 -9.15 15.37 2.60
CA LEU A 153 -8.11 14.58 3.25
C LEU A 153 -6.72 14.93 2.68
N ILE A 154 -6.62 15.05 1.36
CA ILE A 154 -5.36 15.43 0.75
C ILE A 154 -4.92 16.82 1.23
N ASP A 155 -5.87 17.75 1.28
CA ASP A 155 -5.58 19.13 1.62
C ASP A 155 -5.15 19.32 3.06
N MET A 156 -5.53 18.42 3.93
CA MET A 156 -5.03 18.50 5.29
C MET A 156 -3.69 17.80 5.50
N GLY A 157 -3.18 17.14 4.46
CA GLY A 157 -1.81 16.61 4.46
C GLY A 157 -1.70 15.10 4.30
N CYS A 158 -2.75 14.47 3.78
CA CYS A 158 -2.70 13.04 3.48
C CYS A 158 -2.36 12.78 2.02
N TYR A 159 -1.85 11.58 1.76
CA TYR A 159 -1.65 11.07 0.40
C TYR A 159 -2.40 9.76 0.20
N THR A 160 -2.73 9.46 -1.06
CA THR A 160 -3.67 8.39 -1.38
C THR A 160 -2.98 7.29 -2.18
N GLN A 161 -3.41 6.08 -1.94
CA GLN A 161 -2.89 4.92 -2.58
C GLN A 161 -4.01 4.05 -3.16
N VAL A 162 -3.82 3.57 -4.38
CA VAL A 162 -4.80 2.69 -5.01
C VAL A 162 -4.13 1.36 -5.38
N ASN A 163 -4.81 0.23 -5.23
CA ASN A 163 -4.20 -1.06 -5.52
C ASN A 163 -4.13 -1.30 -7.05
N SER A 164 -3.00 -1.82 -7.53
CA SER A 164 -2.83 -2.06 -8.98
C SER A 164 -3.96 -2.92 -9.57
N SER A 165 -4.45 -3.87 -8.78
CA SER A 165 -5.48 -4.78 -9.24
C SER A 165 -6.76 -4.05 -9.65
N HIS A 166 -7.00 -2.90 -9.04
CA HIS A 166 -8.28 -2.23 -9.26
C HIS A 166 -8.14 -1.20 -10.35
N VAL A 167 -6.93 -1.06 -10.85
CA VAL A 167 -6.64 -0.19 -11.99
C VAL A 167 -7.05 -0.89 -13.30
N LEU A 168 -7.15 -2.21 -13.27
CA LEU A 168 -7.35 -3.00 -14.49
C LEU A 168 -8.80 -2.87 -14.94
N LYS A 169 -9.05 -3.06 -16.23
CA LYS A 169 -10.40 -3.14 -16.79
C LYS A 169 -11.26 -4.17 -16.06
N PRO A 170 -12.54 -3.88 -15.85
CA PRO A 170 -13.45 -4.94 -15.41
C PRO A 170 -13.54 -6.02 -16.48
N LYS A 171 -13.49 -7.28 -16.05
CA LYS A 171 -13.39 -8.41 -16.98
C LYS A 171 -14.78 -8.71 -17.52
N LEU A 172 -14.85 -9.28 -18.72
CA LEU A 172 -16.13 -9.73 -19.29
C LEU A 172 -16.77 -10.89 -18.51
N PHE A 173 -15.94 -11.74 -17.92
CA PHE A 173 -16.45 -12.89 -17.20
C PHE A 173 -15.72 -12.97 -15.88
N GLY A 174 -16.45 -13.34 -14.82
CA GLY A 174 -15.85 -13.70 -13.55
C GLY A 174 -15.38 -12.51 -12.73
N GLU A 175 -15.86 -11.32 -13.06
CA GLU A 175 -15.43 -10.12 -12.34
C GLU A 175 -16.08 -10.08 -10.96
N ARG A 176 -15.25 -10.03 -9.91
CA ARG A 176 -15.76 -9.98 -8.53
C ARG A 176 -15.45 -8.67 -7.83
N TYR A 177 -14.74 -7.76 -8.51
CA TYR A 177 -14.33 -6.51 -7.89
C TYR A 177 -14.77 -5.29 -8.70
N LYS A 178 -15.90 -5.40 -9.38
CA LYS A 178 -16.25 -4.32 -10.31
C LYS A 178 -16.35 -2.97 -9.63
N PHE A 179 -16.89 -2.95 -8.42
CA PHE A 179 -17.18 -1.68 -7.77
C PHE A 179 -15.91 -0.99 -7.31
N MET A 180 -14.90 -1.77 -6.98
CA MET A 180 -13.61 -1.17 -6.65
C MET A 180 -12.78 -0.73 -7.82
N LYS A 181 -12.94 -1.41 -8.97
CA LYS A 181 -12.36 -0.88 -10.20
C LYS A 181 -13.02 0.41 -10.64
N LYS A 182 -14.34 0.47 -10.59
CA LYS A 182 -15.01 1.73 -10.92
C LYS A 182 -14.58 2.87 -10.00
N ARG A 183 -14.48 2.59 -8.69
CA ARG A 183 -13.99 3.60 -7.75
C ARG A 183 -12.57 4.06 -8.08
N ALA A 184 -11.66 3.13 -8.30
CA ALA A 184 -10.29 3.52 -8.65
C ALA A 184 -10.25 4.33 -9.93
N GLN A 185 -11.11 3.97 -10.90
CA GLN A 185 -11.15 4.71 -12.15
C GLN A 185 -11.65 6.15 -11.96
N TYR A 186 -12.65 6.32 -11.09
CA TYR A 186 -13.07 7.64 -10.65
C TYR A 186 -11.94 8.48 -10.03
N PHE A 187 -11.23 7.94 -9.08
CA PHE A 187 -10.18 8.69 -8.44
C PHE A 187 -9.05 9.09 -9.40
N LEU A 188 -8.65 8.20 -10.29
CA LEU A 188 -7.63 8.49 -11.29
C LEU A 188 -8.06 9.58 -12.26
N GLU A 189 -9.30 9.49 -12.73
CA GLU A 189 -9.84 10.49 -13.63
C GLU A 189 -9.85 11.80 -12.94
N GLN A 190 -10.20 11.81 -11.66
CA GLN A 190 -10.22 13.06 -10.91
C GLN A 190 -8.82 13.56 -10.51
N ASP A 191 -7.79 12.81 -10.86
CA ASP A 191 -6.43 13.05 -10.43
C ASP A 191 -6.27 13.14 -8.90
N LEU A 192 -6.84 12.18 -8.20
CA LEU A 192 -6.81 12.09 -6.76
C LEU A 192 -5.90 10.98 -6.20
N VAL A 193 -5.08 10.38 -7.04
CA VAL A 193 -4.24 9.29 -6.62
C VAL A 193 -2.77 9.68 -6.62
N HIS A 194 -2.09 9.50 -5.49
CA HIS A 194 -0.67 9.77 -5.43
C HIS A 194 0.17 8.56 -5.82
N VAL A 195 -0.33 7.36 -5.54
CA VAL A 195 0.52 6.18 -5.61
C VAL A 195 -0.33 4.99 -6.05
N ILE A 196 0.23 4.17 -6.91
CA ILE A 196 -0.31 2.86 -7.15
C ILE A 196 0.69 1.85 -6.60
N ALA A 197 0.18 0.87 -5.87
CA ALA A 197 1.01 -0.12 -5.19
C ALA A 197 0.31 -1.46 -5.28
N SER A 198 1.03 -2.53 -4.88
CA SER A 198 0.75 -3.93 -5.17
C SER A 198 -0.36 -4.47 -4.29
N ASP A 199 -0.24 -4.22 -3.00
CA ASP A 199 -0.95 -4.99 -1.98
C ASP A 199 -0.83 -6.49 -2.23
N MET A 200 0.30 -6.94 -2.77
CA MET A 200 0.44 -8.36 -3.10
C MET A 200 0.50 -9.26 -1.87
N HIS A 201 -0.10 -10.41 -1.97
CA HIS A 201 -0.09 -11.38 -0.89
C HIS A 201 0.40 -12.80 -1.23
N ASN A 202 0.13 -13.21 -2.45
CA ASN A 202 0.34 -14.54 -2.92
C ASN A 202 0.26 -14.55 -4.41
N LEU A 203 0.46 -15.71 -5.00
CA LEU A 203 0.41 -15.79 -6.44
C LEU A 203 -0.90 -16.35 -6.97
N ASP A 204 -1.84 -16.53 -6.10
CA ASP A 204 -3.11 -17.04 -6.55
C ASP A 204 -4.15 -15.92 -6.57
N GLY A 205 -4.88 -15.71 -5.48
CA GLY A 205 -5.86 -14.67 -5.44
C GLY A 205 -5.35 -13.24 -5.55
N ARG A 206 -4.19 -13.00 -4.96
N ARG A 206 -4.19 -12.99 -4.96
CA ARG A 206 -3.68 -11.66 -4.88
CA ARG A 206 -3.72 -11.64 -4.86
C ARG A 206 -2.25 -11.40 -5.30
C ARG A 206 -2.25 -11.39 -5.30
N PRO A 207 -1.97 -11.55 -6.57
CA PRO A 207 -0.65 -11.25 -7.08
C PRO A 207 -0.50 -9.75 -7.29
N PRO A 208 0.74 -9.30 -7.52
CA PRO A 208 0.93 -7.92 -7.98
C PRO A 208 0.36 -7.80 -9.39
N HIS A 209 -0.27 -6.66 -9.70
CA HIS A 209 -0.56 -6.31 -11.09
C HIS A 209 0.10 -4.99 -11.49
N MET A 210 1.35 -4.80 -11.07
CA MET A 210 2.02 -3.51 -11.25
C MET A 210 2.41 -3.21 -12.69
N ALA A 211 2.89 -4.23 -13.42
CA ALA A 211 3.18 -4.06 -14.85
C ALA A 211 1.89 -3.79 -15.63
N GLU A 212 0.87 -4.62 -15.43
CA GLU A 212 -0.40 -4.41 -16.14
C GLU A 212 -0.99 -3.04 -15.86
N ALA A 213 -1.03 -2.66 -14.58
CA ALA A 213 -1.53 -1.33 -14.17
C ALA A 213 -0.72 -0.17 -14.73
N TYR A 214 0.60 -0.30 -14.70
CA TYR A 214 1.48 0.76 -15.22
C TYR A 214 1.14 1.04 -16.69
N ASP A 215 0.98 -0.02 -17.47
CA ASP A 215 0.67 0.12 -18.89
C ASP A 215 -0.69 0.77 -19.11
N LEU A 216 -1.68 0.28 -18.38
CA LEU A 216 -3.01 0.85 -18.43
C LEU A 216 -3.04 2.34 -18.10
N VAL A 217 -2.31 2.77 -17.07
CA VAL A 217 -2.27 4.19 -16.71
C VAL A 217 -1.51 5.00 -17.75
N THR A 218 -0.44 4.44 -18.28
CA THR A 218 0.26 5.03 -19.43
C THR A 218 -0.72 5.30 -20.58
N GLN A 219 -1.42 4.26 -21.03
CA GLN A 219 -2.39 4.41 -22.10
C GLN A 219 -3.45 5.48 -21.79
N LYS A 220 -4.08 5.39 -20.62
CA LYS A 220 -5.21 6.25 -20.34
C LYS A 220 -4.86 7.65 -19.84
N TYR A 221 -3.75 7.76 -19.11
CA TYR A 221 -3.44 9.00 -18.39
C TYR A 221 -2.12 9.62 -18.80
N GLY A 222 -1.38 8.94 -19.67
CA GLY A 222 -0.06 9.41 -20.09
C GLY A 222 1.08 8.77 -19.33
N GLU A 223 2.24 8.67 -19.97
CA GLU A 223 3.43 8.13 -19.33
C GLU A 223 3.93 8.94 -18.13
N ALA A 224 3.87 10.26 -18.20
CA ALA A 224 4.33 11.05 -17.08
C ALA A 224 3.55 10.72 -15.80
N LYS A 225 2.25 10.47 -15.94
CA LYS A 225 1.39 10.21 -14.78
C LYS A 225 1.73 8.83 -14.23
N ALA A 226 1.95 7.86 -15.12
CA ALA A 226 2.38 6.54 -14.71
C ALA A 226 3.69 6.62 -13.93
N GLN A 227 4.63 7.42 -14.42
CA GLN A 227 5.91 7.62 -13.75
C GLN A 227 5.70 8.19 -12.37
N GLU A 228 4.85 9.21 -12.29
CA GLU A 228 4.51 9.85 -11.01
C GLU A 228 3.97 8.86 -9.99
N LEU A 229 3.01 8.04 -10.40
CA LEU A 229 2.26 7.23 -9.46
C LEU A 229 3.01 5.97 -9.07
N PHE A 230 3.82 5.45 -9.99
CA PHE A 230 4.48 4.16 -9.82
C PHE A 230 5.97 4.29 -9.48
N ILE A 231 6.56 5.45 -9.74
CA ILE A 231 7.98 5.68 -9.47
C ILE A 231 8.28 6.90 -8.62
N ASP A 232 7.90 8.08 -9.09
CA ASP A 232 8.39 9.31 -8.48
C ASP A 232 7.84 9.52 -7.08
N ASN A 233 6.52 9.46 -6.93
CA ASN A 233 5.91 9.59 -5.61
C ASN A 233 6.32 8.53 -4.60
N PRO A 234 6.22 7.25 -4.98
CA PRO A 234 6.74 6.20 -4.10
C PRO A 234 8.18 6.42 -3.70
N ARG A 235 9.01 6.94 -4.61
CA ARG A 235 10.42 7.18 -4.32
C ARG A 235 10.60 8.28 -3.27
N LYS A 236 9.83 9.34 -3.42
CA LYS A 236 9.81 10.38 -2.41
C LYS A 236 9.41 9.85 -1.04
N ILE A 237 8.39 8.99 -1.02
CA ILE A 237 7.95 8.37 0.24
C ILE A 237 9.05 7.52 0.86
N VAL A 238 9.66 6.64 0.06
CA VAL A 238 10.78 5.83 0.55
C VAL A 238 11.98 6.68 1.04
N MET A 239 12.21 7.83 0.41
CA MET A 239 13.36 8.68 0.73
C MET A 239 12.99 9.76 1.74
N ASP A 240 11.80 9.66 2.31
CA ASP A 240 11.31 10.64 3.28
C ASP A 240 11.33 12.07 2.76
N GLN A 241 10.96 12.24 1.50
CA GLN A 241 10.89 13.57 0.90
C GLN A 241 9.45 14.02 0.72
N LEU A 242 9.25 15.34 0.75
CA LEU A 242 7.91 15.90 0.66
C LEU A 242 7.43 15.80 -0.76
N ILE A 243 6.16 15.45 -0.93
CA ILE A 243 5.50 15.51 -2.24
C ILE A 243 4.67 16.77 -2.34
FE FE B . -5.56 -3.28 3.43
FE FE C . -2.59 -4.64 2.39
MG MG D . -3.82 -8.59 3.93
S SO4 E . -5.34 -6.57 3.09
O1 SO4 E . -4.01 -6.07 2.73
O2 SO4 E . -5.17 -7.98 3.49
O3 SO4 E . -5.88 -5.79 4.19
O4 SO4 E . -6.25 -6.46 1.95
C1 GOL F . -14.19 -5.40 7.61
O1 GOL F . -13.70 -4.75 8.75
C2 GOL F . -13.02 -5.51 6.64
O2 GOL F . -12.12 -4.50 7.00
C3 GOL F . -13.52 -5.19 5.25
O3 GOL F . -13.44 -3.79 5.17
C1 GOL G . 14.07 -4.61 10.57
O1 GOL G . 13.53 -4.46 11.85
C2 GOL G . 14.95 -3.39 10.33
O2 GOL G . 14.14 -2.25 10.53
C3 GOL G . 15.50 -3.38 8.92
O3 GOL G . 15.86 -2.08 8.56
#